data_2J19
#
_entry.id   2J19
#
_cell.length_a   57.730
_cell.length_b   150.460
_cell.length_c   100.750
_cell.angle_alpha   90.00
_cell.angle_beta   90.00
_cell.angle_gamma   90.00
#
_symmetry.space_group_name_H-M   'C 2 2 21'
#
loop_
_entity.id
_entity.type
_entity.pdbx_description
1 polymer CHLOROPEROXIDASE
2 branched alpha-D-mannopyranose-(1-4)-2-acetamido-2-deoxy-beta-D-glucopyranose-(1-4)-2-acetamido-2-deoxy-beta-D-glucopyranose
3 branched 2-acetamido-2-deoxy-beta-D-glucopyranose-(1-4)-2-acetamido-2-deoxy-beta-D-glucopyranose
4 branched alpha-D-mannopyranose-(1-2)-alpha-D-mannopyranose
5 non-polymer 'MANGANESE (II) ION'
6 non-polymer 'PROTOPORPHYRIN IX CONTAINING FE'
7 non-polymer 2-acetamido-2-deoxy-beta-D-glucopyranose
8 non-polymer alpha-D-mannopyranose
9 non-polymer 'BROMIDE ION'
10 water water
#
_entity_poly.entity_id   1
_entity_poly.type   'polypeptide(L)'
_entity_poly.pdbx_seq_one_letter_code
;(PCA)EPGSGIGYPYDNNTLPYVAPGPTDSRAPCPALNALANHGYIPHDGRAISRETLQNAFLNHMGIANSVIELALTNA
FVVCEYVTGSDCGDSLVNLTLLAEPHAFEHDHSFSRKDYKQGVANSNDFIDNRNFDAETFQTSLDVVAGKTHFDYADMNE
IRLQRESLSNELDFPGWFTESKPIQNVESGFIFALVSDFNLPDNDENPLVRIDWWKYWFTNESFPYHLGWHPPSPAREIE
FVTSASSAVLAASVTSTPSSLPSGAIGPGAEAVPLSFASTMTPFLLATNAPYYAQDPTLGPND
;
_entity_poly.pdbx_strand_id   A
#
loop_
_chem_comp.id
_chem_comp.type
_chem_comp.name
_chem_comp.formula
BR non-polymer 'BROMIDE ION' 'Br -1'
HEM non-polymer 'PROTOPORPHYRIN IX CONTAINING FE' 'C34 H32 Fe N4 O4'
MAN D-saccharide, alpha linking alpha-D-mannopyranose 'C6 H12 O6'
MN non-polymer 'MANGANESE (II) ION' 'Mn 2'
NAG D-saccharide, beta linking 2-acetamido-2-deoxy-beta-D-glucopyranose 'C8 H15 N O6'
#
# COMPACT_ATOMS: atom_id res chain seq x y z
N PCA A 1 17.48 -4.09 -9.11
CA PCA A 1 18.93 -3.86 -9.14
CB PCA A 1 19.58 -4.82 -8.15
CG PCA A 1 18.48 -5.27 -7.19
CD PCA A 1 17.23 -4.76 -7.85
OE PCA A 1 16.09 -4.92 -7.37
C PCA A 1 19.43 -4.08 -10.56
O PCA A 1 18.72 -4.62 -11.41
N GLU A 2 20.66 -3.65 -10.83
N GLU A 2 20.65 -3.62 -10.84
CA GLU A 2 21.28 -3.86 -12.14
CA GLU A 2 21.24 -3.81 -12.18
C GLU A 2 21.24 -5.35 -12.49
C GLU A 2 21.25 -5.31 -12.50
N PRO A 3 20.84 -5.68 -13.73
CA PRO A 3 20.67 -7.10 -14.11
C PRO A 3 21.87 -7.99 -13.78
N GLY A 4 23.08 -7.50 -14.06
CA GLY A 4 24.30 -8.26 -13.76
C GLY A 4 24.65 -8.43 -12.30
N SER A 5 24.01 -7.65 -11.42
CA SER A 5 24.35 -7.68 -9.99
C SER A 5 24.03 -9.00 -9.32
N GLY A 6 23.07 -9.72 -9.90
CA GLY A 6 22.55 -10.95 -9.32
C GLY A 6 21.91 -10.82 -7.95
N ILE A 7 21.66 -9.59 -7.54
CA ILE A 7 21.01 -9.34 -6.24
C ILE A 7 19.68 -10.14 -6.04
N GLY A 8 18.87 -10.24 -7.08
CA GLY A 8 17.60 -11.01 -6.96
C GLY A 8 17.67 -12.54 -7.10
N TYR A 9 18.82 -13.03 -7.52
CA TYR A 9 19.00 -14.45 -7.84
C TYR A 9 18.98 -15.33 -6.59
N PRO A 10 18.35 -16.52 -6.68
CA PRO A 10 17.65 -17.14 -7.82
C PRO A 10 16.14 -16.92 -7.82
N TYR A 11 15.68 -15.90 -7.09
CA TYR A 11 14.25 -15.64 -6.95
C TYR A 11 13.71 -14.76 -8.05
N ASP A 12 14.51 -13.77 -8.43
CA ASP A 12 14.20 -12.91 -9.54
C ASP A 12 15.47 -12.87 -10.37
N ASN A 13 15.42 -13.47 -11.55
CA ASN A 13 16.60 -13.60 -12.41
C ASN A 13 16.70 -12.51 -13.48
N ASN A 14 15.83 -11.51 -13.40
CA ASN A 14 15.74 -10.48 -14.44
C ASN A 14 15.39 -9.14 -13.83
N THR A 15 16.28 -8.64 -12.99
CA THR A 15 16.02 -7.39 -12.28
C THR A 15 16.39 -6.17 -13.13
N LEU A 16 15.82 -5.02 -12.73
CA LEU A 16 16.13 -3.74 -13.34
C LEU A 16 16.44 -2.76 -12.21
N PRO A 17 17.32 -1.78 -12.46
CA PRO A 17 17.73 -0.89 -11.35
C PRO A 17 16.65 0.07 -10.90
N TYR A 18 16.78 0.51 -9.65
CA TYR A 18 16.00 1.60 -9.12
C TYR A 18 16.33 2.87 -9.87
N VAL A 19 15.30 3.62 -10.25
CA VAL A 19 15.48 4.97 -10.81
C VAL A 19 14.44 5.89 -10.13
N ALA A 20 14.89 6.99 -9.53
CA ALA A 20 13.96 7.87 -8.81
C ALA A 20 12.93 8.44 -9.76
N PRO A 21 11.68 8.63 -9.29
CA PRO A 21 10.70 9.28 -10.17
C PRO A 21 11.07 10.75 -10.33
N GLY A 22 10.88 11.27 -11.55
CA GLY A 22 11.09 12.68 -11.85
C GLY A 22 9.81 13.47 -11.59
N PRO A 23 9.91 14.81 -11.61
CA PRO A 23 8.79 15.67 -11.28
C PRO A 23 7.55 15.47 -12.16
N THR A 24 7.71 14.99 -13.39
CA THR A 24 6.54 14.78 -14.26
C THR A 24 5.97 13.35 -14.21
N ASP A 25 6.69 12.46 -13.53
CA ASP A 25 6.23 11.06 -13.39
C ASP A 25 5.01 10.96 -12.46
N SER A 26 4.15 9.98 -12.75
CA SER A 26 2.98 9.69 -11.96
C SER A 26 3.30 8.59 -10.95
N ARG A 27 2.97 8.85 -9.68
CA ARG A 27 3.07 7.80 -8.66
C ARG A 27 1.77 7.64 -7.92
N ALA A 28 1.66 6.55 -7.17
CA ALA A 28 0.42 6.12 -6.55
C ALA A 28 0.47 6.38 -5.04
N PRO A 29 -0.69 6.17 -4.36
CA PRO A 29 -0.71 6.08 -2.90
C PRO A 29 -0.26 4.70 -2.40
N CYS A 30 0.23 3.85 -3.31
CA CYS A 30 0.56 2.46 -3.01
C CYS A 30 2.08 2.27 -3.01
N PRO A 31 2.64 1.74 -1.91
CA PRO A 31 4.10 1.55 -1.87
C PRO A 31 4.55 0.42 -2.82
N ALA A 32 3.66 -0.53 -3.10
CA ALA A 32 3.99 -1.64 -4.02
C ALA A 32 4.06 -1.11 -5.46
N LEU A 33 3.00 -0.43 -5.91
CA LEU A 33 3.03 0.08 -7.29
C LEU A 33 4.19 1.04 -7.47
N ASN A 34 4.46 1.83 -6.43
CA ASN A 34 5.55 2.83 -6.58
C ASN A 34 6.90 2.16 -6.74
N ALA A 35 7.13 1.10 -5.97
CA ALA A 35 8.37 0.33 -6.11
C ALA A 35 8.47 -0.30 -7.48
N LEU A 36 7.37 -0.90 -7.97
CA LEU A 36 7.40 -1.49 -9.33
C LEU A 36 7.71 -0.45 -10.43
N ALA A 37 7.09 0.72 -10.32
CA ALA A 37 7.30 1.80 -11.27
C ALA A 37 8.74 2.34 -11.18
N ASN A 38 9.26 2.47 -9.96
CA ASN A 38 10.64 2.93 -9.77
C ASN A 38 11.67 2.00 -10.43
N HIS A 39 11.34 0.72 -10.53
CA HIS A 39 12.16 -0.26 -11.23
C HIS A 39 11.84 -0.48 -12.71
N GLY A 40 10.76 0.13 -13.18
CA GLY A 40 10.36 -0.02 -14.58
C GLY A 40 9.70 -1.35 -14.87
N TYR A 41 9.28 -2.04 -13.82
CA TYR A 41 8.56 -3.30 -14.00
C TYR A 41 7.12 -2.99 -14.45
N ILE A 42 6.64 -1.82 -14.05
CA ILE A 42 5.52 -1.15 -14.71
C ILE A 42 6.12 0.18 -15.16
N PRO A 43 5.49 0.86 -16.14
CA PRO A 43 6.11 2.07 -16.71
C PRO A 43 6.70 3.05 -15.69
N HIS A 44 7.96 3.46 -15.90
N HIS A 44 7.96 3.42 -15.93
CA HIS A 44 8.60 4.38 -14.95
CA HIS A 44 8.66 4.39 -15.08
C HIS A 44 7.86 5.72 -14.87
C HIS A 44 7.81 5.64 -14.87
N ASP A 45 7.12 6.06 -15.92
CA ASP A 45 6.32 7.30 -15.86
C ASP A 45 4.97 7.12 -15.17
N GLY A 46 4.64 5.88 -14.83
CA GLY A 46 3.40 5.56 -14.13
C GLY A 46 2.15 5.80 -14.95
N ARG A 47 2.27 5.72 -16.28
CA ARG A 47 1.14 5.96 -17.19
C ARG A 47 0.90 4.77 -18.10
N ALA A 48 -0.39 4.61 -18.46
CA ALA A 48 -0.85 3.73 -19.54
C ALA A 48 -0.49 2.28 -19.23
N ILE A 49 -1.03 1.77 -18.13
CA ILE A 49 -0.64 0.47 -17.57
C ILE A 49 -1.73 -0.58 -17.75
N SER A 50 -1.37 -1.69 -18.40
CA SER A 50 -2.35 -2.78 -18.63
C SER A 50 -2.44 -3.73 -17.45
N ARG A 51 -3.53 -4.50 -17.41
CA ARG A 51 -3.69 -5.52 -16.36
C ARG A 51 -2.55 -6.54 -16.41
N GLU A 52 -2.21 -7.03 -17.61
CA GLU A 52 -1.17 -8.05 -17.70
C GLU A 52 0.19 -7.52 -17.25
N THR A 53 0.49 -6.27 -17.58
CA THR A 53 1.73 -5.64 -17.10
C THR A 53 1.81 -5.68 -15.57
N LEU A 54 0.72 -5.28 -14.93
CA LEU A 54 0.64 -5.35 -13.46
C LEU A 54 0.79 -6.78 -12.94
N GLN A 55 0.04 -7.72 -13.55
CA GLN A 55 0.07 -9.11 -13.11
C GLN A 55 1.48 -9.67 -13.18
N ASN A 56 2.14 -9.45 -14.32
CA ASN A 56 3.50 -9.96 -14.52
C ASN A 56 4.51 -9.33 -13.57
N ALA A 57 4.37 -8.02 -13.35
CA ALA A 57 5.30 -7.29 -12.48
C ALA A 57 5.22 -7.84 -11.05
N PHE A 58 3.99 -8.03 -10.57
CA PHE A 58 3.80 -8.52 -9.20
C PHE A 58 4.29 -9.94 -9.05
N LEU A 59 3.96 -10.77 -10.03
CA LEU A 59 4.30 -12.18 -9.96
C LEU A 59 5.81 -12.38 -10.07
N ASN A 60 6.43 -11.74 -11.06
CA ASN A 60 7.82 -12.02 -11.38
C ASN A 60 8.82 -11.27 -10.50
N HIS A 61 8.40 -10.14 -9.97
CA HIS A 61 9.34 -9.29 -9.26
C HIS A 61 9.05 -9.13 -7.78
N MET A 62 7.85 -9.50 -7.34
CA MET A 62 7.50 -9.38 -5.93
C MET A 62 6.95 -10.64 -5.28
N GLY A 63 6.87 -11.73 -6.05
CA GLY A 63 6.31 -12.98 -5.53
C GLY A 63 4.89 -12.88 -5.04
N ILE A 64 4.06 -12.15 -5.79
CA ILE A 64 2.64 -11.93 -5.48
C ILE A 64 1.84 -12.46 -6.68
N ALA A 65 1.08 -13.52 -6.44
CA ALA A 65 0.36 -14.21 -7.51
C ALA A 65 -0.80 -13.38 -8.02
N ASN A 66 -1.30 -13.75 -9.19
CA ASN A 66 -2.40 -13.02 -9.83
C ASN A 66 -3.63 -12.92 -8.92
N SER A 67 -3.94 -13.99 -8.19
CA SER A 67 -5.14 -14.03 -7.34
C SER A 67 -5.13 -12.90 -6.32
N VAL A 68 -3.93 -12.50 -5.89
CA VAL A 68 -3.82 -11.44 -4.86
C VAL A 68 -4.32 -10.08 -5.33
N ILE A 69 -4.13 -9.80 -6.62
CA ILE A 69 -4.47 -8.48 -7.16
C ILE A 69 -5.75 -8.46 -8.02
N GLU A 70 -6.51 -9.55 -8.02
CA GLU A 70 -7.71 -9.58 -8.86
C GLU A 70 -8.68 -8.44 -8.53
N LEU A 71 -9.06 -8.32 -7.25
CA LEU A 71 -9.97 -7.26 -6.82
C LEU A 71 -9.34 -5.90 -7.01
N ALA A 72 -8.05 -5.80 -6.70
CA ALA A 72 -7.32 -4.56 -6.81
C ALA A 72 -7.32 -4.04 -8.26
N LEU A 73 -7.15 -4.94 -9.23
CA LEU A 73 -7.23 -4.54 -10.65
C LEU A 73 -8.64 -4.04 -11.00
N THR A 74 -9.65 -4.80 -10.61
CA THR A 74 -11.04 -4.40 -10.84
C THR A 74 -11.27 -2.98 -10.30
N ASN A 75 -10.86 -2.76 -9.05
CA ASN A 75 -11.10 -1.47 -8.41
C ASN A 75 -10.28 -0.32 -8.99
N ALA A 76 -9.05 -0.59 -9.39
CA ALA A 76 -8.23 0.41 -10.08
C ALA A 76 -8.98 0.91 -11.32
N PHE A 77 -9.52 -0.02 -12.09
CA PHE A 77 -10.18 0.37 -13.31
C PHE A 77 -11.54 1.04 -13.09
N VAL A 78 -12.26 0.62 -12.06
CA VAL A 78 -13.47 1.35 -11.63
C VAL A 78 -13.13 2.83 -11.28
N VAL A 79 -12.06 3.02 -10.53
CA VAL A 79 -11.66 4.36 -10.07
C VAL A 79 -11.17 5.20 -11.26
N CYS A 80 -10.42 4.55 -12.15
CA CYS A 80 -9.98 5.21 -13.36
C CYS A 80 -11.18 5.76 -14.15
N GLU A 81 -12.23 4.96 -14.30
CA GLU A 81 -13.40 5.43 -15.06
C GLU A 81 -14.14 6.59 -14.32
N TYR A 82 -14.23 6.45 -13.00
CA TYR A 82 -14.84 7.46 -12.15
C TYR A 82 -14.09 8.79 -12.21
N VAL A 83 -12.77 8.76 -12.10
CA VAL A 83 -11.98 10.00 -12.13
C VAL A 83 -11.93 10.67 -13.51
N THR A 84 -11.74 9.87 -14.55
CA THR A 84 -11.56 10.42 -15.91
C THR A 84 -12.88 10.69 -16.62
N GLY A 85 -13.93 10.00 -16.19
CA GLY A 85 -15.26 10.13 -16.80
C GLY A 85 -15.49 9.28 -18.04
N SER A 86 -14.58 8.35 -18.33
CA SER A 86 -14.81 7.40 -19.43
C SER A 86 -14.11 6.07 -19.16
N ASP A 87 -14.60 5.00 -19.78
CA ASP A 87 -14.01 3.68 -19.59
C ASP A 87 -12.59 3.70 -20.13
N CYS A 88 -11.63 3.18 -19.38
N CYS A 88 -11.62 3.28 -19.39
CA CYS A 88 -10.25 3.29 -19.85
CA CYS A 88 -10.25 3.39 -19.87
C CYS A 88 -9.71 1.96 -20.37
C CYS A 88 -9.71 2.06 -20.38
N GLY A 89 -10.63 1.03 -20.59
CA GLY A 89 -10.33 -0.24 -21.22
C GLY A 89 -9.31 -1.04 -20.42
N ASP A 90 -8.16 -1.30 -21.06
CA ASP A 90 -7.08 -2.03 -20.39
C ASP A 90 -5.78 -1.21 -20.39
N SER A 91 -5.93 0.11 -20.22
CA SER A 91 -4.79 1.01 -20.11
C SER A 91 -5.09 2.00 -18.98
N LEU A 92 -4.65 1.65 -17.77
CA LEU A 92 -4.89 2.53 -16.62
C LEU A 92 -4.25 3.88 -16.90
N VAL A 93 -5.01 4.97 -16.87
CA VAL A 93 -4.47 6.27 -17.35
C VAL A 93 -3.17 6.69 -16.63
N ASN A 94 -3.21 6.63 -15.30
CA ASN A 94 -1.98 6.85 -14.51
C ASN A 94 -2.16 6.27 -13.11
N LEU A 95 -1.09 6.34 -12.32
CA LEU A 95 -1.12 5.83 -10.95
C LEU A 95 -1.69 6.86 -9.98
N THR A 96 -1.51 8.12 -10.30
CA THR A 96 -1.89 9.22 -9.41
C THR A 96 -3.39 9.24 -9.10
N LEU A 97 -4.20 8.91 -10.11
CA LEU A 97 -5.63 8.92 -9.95
C LEU A 97 -6.11 7.89 -8.93
N LEU A 98 -5.26 6.92 -8.57
CA LEU A 98 -5.65 5.94 -7.54
C LEU A 98 -5.75 6.56 -6.15
N ALA A 99 -5.27 7.79 -6.02
CA ALA A 99 -5.36 8.52 -4.75
C ALA A 99 -6.64 9.35 -4.67
N GLU A 100 -7.60 9.07 -5.56
CA GLU A 100 -8.93 9.65 -5.44
C GLU A 100 -9.52 9.27 -4.08
N PRO A 101 -9.85 10.26 -3.23
CA PRO A 101 -10.28 9.91 -1.85
C PRO A 101 -11.65 9.28 -1.75
N HIS A 102 -11.89 8.63 -0.61
CA HIS A 102 -13.11 7.90 -0.32
C HIS A 102 -13.54 6.99 -1.47
N ALA A 103 -12.56 6.31 -2.02
CA ALA A 103 -12.79 5.42 -3.15
C ALA A 103 -11.95 4.17 -2.89
N PHE A 104 -10.86 3.99 -3.65
CA PHE A 104 -9.94 2.90 -3.37
C PHE A 104 -9.00 3.40 -2.26
N GLU A 105 -8.42 4.57 -2.49
CA GLU A 105 -7.74 5.32 -1.44
C GLU A 105 -8.75 5.63 -0.30
N HIS A 106 -8.25 5.56 0.92
CA HIS A 106 -9.11 5.59 2.08
C HIS A 106 -8.42 6.28 3.26
N ASP A 107 -9.22 6.65 4.25
CA ASP A 107 -8.70 7.33 5.43
C ASP A 107 -7.90 6.34 6.29
N HIS A 108 -7.27 6.87 7.34
CA HIS A 108 -6.49 6.09 8.31
C HIS A 108 -5.44 5.12 7.70
N SER A 109 -4.72 5.59 6.68
CA SER A 109 -3.59 4.84 6.06
C SER A 109 -2.44 4.68 7.05
N PHE A 110 -1.58 3.70 6.80
CA PHE A 110 -0.43 3.49 7.68
C PHE A 110 0.63 4.55 7.50
N SER A 111 0.73 5.11 6.30
CA SER A 111 1.92 5.91 5.95
C SER A 111 1.62 7.17 5.15
N ARG A 112 0.33 7.44 4.94
CA ARG A 112 -0.12 8.64 4.23
C ARG A 112 -1.06 9.46 5.10
N LYS A 113 -1.03 10.78 4.93
CA LYS A 113 -2.02 11.64 5.62
C LYS A 113 -3.38 11.48 4.94
N ASP A 114 -4.44 11.84 5.65
CA ASP A 114 -5.76 11.85 5.03
C ASP A 114 -6.00 13.12 4.21
N TYR A 115 -6.88 12.98 3.22
CA TYR A 115 -7.21 14.07 2.30
C TYR A 115 -7.59 15.37 3.03
N LYS A 116 -8.36 15.25 4.12
CA LYS A 116 -8.70 16.44 4.89
C LYS A 116 -8.11 16.41 6.31
N GLN A 117 -6.94 15.80 6.45
CA GLN A 117 -6.31 15.72 7.75
C GLN A 117 -5.76 17.08 8.15
N GLY A 118 -6.21 17.56 9.31
CA GLY A 118 -5.67 18.78 9.91
C GLY A 118 -5.96 20.07 9.15
N VAL A 119 -6.96 20.10 8.29
CA VAL A 119 -7.23 21.28 7.47
C VAL A 119 -8.12 22.24 8.26
N ALA A 120 -7.84 23.53 8.15
CA ALA A 120 -8.57 24.54 8.93
C ALA A 120 -9.94 24.80 8.30
N ASN A 121 -10.03 24.65 6.98
CA ASN A 121 -11.26 24.93 6.23
C ASN A 121 -11.80 23.74 5.48
N SER A 122 -13.13 23.60 5.45
CA SER A 122 -13.81 22.43 4.89
C SER A 122 -13.48 22.12 3.42
N ASN A 123 -13.24 23.17 2.62
CA ASN A 123 -12.89 23.00 1.21
C ASN A 123 -11.43 22.62 0.95
N ASP A 124 -10.58 22.73 1.98
CA ASP A 124 -9.15 22.46 1.83
C ASP A 124 -8.91 20.97 1.64
N PHE A 125 -7.80 20.63 1.00
CA PHE A 125 -7.30 19.27 1.02
C PHE A 125 -5.78 19.23 0.95
N ILE A 126 -5.20 18.08 1.28
CA ILE A 126 -3.75 17.96 1.28
C ILE A 126 -3.33 16.67 0.57
N ASP A 127 -2.03 16.42 0.56
CA ASP A 127 -1.44 15.29 -0.12
C ASP A 127 -1.71 14.00 0.67
N ASN A 128 -2.70 13.23 0.17
CA ASN A 128 -3.05 11.93 0.74
C ASN A 128 -2.41 10.80 -0.05
N ARG A 129 -1.39 11.14 -0.83
CA ARG A 129 -0.83 10.19 -1.80
C ARG A 129 0.60 9.82 -1.52
N ASN A 130 1.45 10.83 -1.36
CA ASN A 130 2.87 10.57 -1.12
C ASN A 130 3.15 10.04 0.27
N PHE A 131 4.17 9.20 0.36
CA PHE A 131 4.70 8.73 1.64
C PHE A 131 4.99 9.90 2.59
N ASP A 132 4.49 9.79 3.81
CA ASP A 132 4.64 10.82 4.83
C ASP A 132 5.38 10.19 6.03
N ALA A 133 6.63 10.58 6.24
CA ALA A 133 7.45 9.95 7.30
C ALA A 133 6.80 10.09 8.68
N GLU A 134 6.19 11.25 8.96
CA GLU A 134 5.59 11.46 10.29
C GLU A 134 4.44 10.48 10.50
N THR A 135 3.59 10.32 9.48
CA THR A 135 2.44 9.42 9.60
C THR A 135 2.93 8.01 9.83
N PHE A 136 3.94 7.62 9.06
CA PHE A 136 4.47 6.28 9.15
C PHE A 136 5.06 6.05 10.54
N GLN A 137 5.68 7.10 11.08
CA GLN A 137 6.27 6.98 12.40
C GLN A 137 5.18 6.69 13.46
N THR A 138 3.97 7.17 13.23
CA THR A 138 2.84 6.89 14.18
C THR A 138 2.49 5.40 14.15
N SER A 139 2.68 4.76 12.99
CA SER A 139 2.48 3.31 12.86
C SER A 139 3.61 2.54 13.52
N LEU A 140 4.85 2.92 13.22
CA LEU A 140 6.05 2.26 13.74
C LEU A 140 6.16 2.39 15.26
N ASP A 141 5.65 3.50 15.80
CA ASP A 141 5.73 3.76 17.25
C ASP A 141 4.98 2.74 18.07
N VAL A 142 3.93 2.17 17.50
CA VAL A 142 3.12 1.16 18.17
C VAL A 142 3.97 -0.10 18.43
N VAL A 143 4.95 -0.34 17.57
CA VAL A 143 5.84 -1.48 17.72
C VAL A 143 7.27 -1.05 17.99
N ALA A 144 7.43 0.09 18.70
CA ALA A 144 8.75 0.64 19.00
C ALA A 144 9.62 -0.38 19.75
N GLY A 145 10.90 -0.40 19.42
CA GLY A 145 11.86 -1.27 20.12
C GLY A 145 11.82 -2.74 19.74
N LYS A 146 11.03 -3.07 18.71
CA LYS A 146 10.82 -4.45 18.26
C LYS A 146 11.44 -4.66 16.89
N THR A 147 11.83 -5.90 16.59
CA THR A 147 12.29 -6.26 15.25
C THR A 147 11.16 -6.91 14.44
N HIS A 148 10.20 -7.54 15.11
CA HIS A 148 9.09 -8.24 14.45
C HIS A 148 7.76 -7.89 15.12
N PHE A 149 6.66 -8.09 14.39
CA PHE A 149 5.33 -8.01 15.00
C PHE A 149 4.32 -8.99 14.43
N ASP A 150 3.32 -9.33 15.25
CA ASP A 150 2.32 -10.33 14.87
C ASP A 150 0.95 -9.71 14.55
N TYR A 151 -0.05 -10.57 14.32
CA TYR A 151 -1.39 -10.14 13.95
C TYR A 151 -2.00 -9.16 14.99
N ALA A 152 -1.88 -9.50 16.27
CA ALA A 152 -2.42 -8.62 17.31
C ALA A 152 -1.75 -7.25 17.31
N ASP A 153 -0.44 -7.19 17.07
CA ASP A 153 0.28 -5.92 16.96
C ASP A 153 -0.26 -5.13 15.76
N MET A 154 -0.43 -5.78 14.61
CA MET A 154 -0.98 -5.07 13.44
C MET A 154 -2.39 -4.49 13.74
N ASN A 155 -3.18 -5.23 14.50
CA ASN A 155 -4.53 -4.79 14.89
C ASN A 155 -4.41 -3.51 15.71
N GLU A 156 -3.43 -3.47 16.61
CA GLU A 156 -3.17 -2.27 17.42
C GLU A 156 -2.69 -1.09 16.56
N ILE A 157 -1.84 -1.39 15.56
CA ILE A 157 -1.41 -0.35 14.62
C ILE A 157 -2.61 0.30 13.90
N ARG A 158 -3.44 -0.51 13.27
CA ARG A 158 -4.54 0.05 12.50
C ARG A 158 -5.52 0.80 13.42
N LEU A 159 -5.67 0.33 14.67
CA LEU A 159 -6.57 1.05 15.62
C LEU A 159 -6.02 2.44 15.98
N GLN A 160 -4.70 2.52 16.20
CA GLN A 160 -4.01 3.77 16.47
C GLN A 160 -4.19 4.72 15.30
N ARG A 161 -4.04 4.21 14.07
CA ARG A 161 -4.25 5.03 12.90
C ARG A 161 -5.71 5.50 12.76
N GLU A 162 -6.66 4.63 13.05
CA GLU A 162 -8.06 5.01 13.01
C GLU A 162 -8.37 6.11 14.01
N SER A 163 -7.82 5.97 15.22
CA SER A 163 -8.04 6.94 16.30
C SER A 163 -7.45 8.29 15.94
N LEU A 164 -6.18 8.31 15.51
CA LEU A 164 -5.51 9.56 15.13
C LEU A 164 -6.25 10.26 13.99
N SER A 165 -6.63 9.50 12.97
CA SER A 165 -7.32 10.06 11.82
C SER A 165 -8.71 10.60 12.21
N ASN A 166 -9.44 9.87 13.04
CA ASN A 166 -10.77 10.33 13.46
C ASN A 166 -10.67 11.64 14.28
N GLU A 167 -9.58 11.80 15.01
CA GLU A 167 -9.37 13.01 15.81
C GLU A 167 -8.90 14.18 14.96
N LEU A 168 -8.09 13.89 13.94
CA LEU A 168 -7.39 14.95 13.22
C LEU A 168 -8.07 15.45 11.94
N ASP A 169 -8.89 14.59 11.36
CA ASP A 169 -9.53 14.93 10.10
C ASP A 169 -10.62 15.96 10.32
N PHE A 170 -10.78 16.83 9.33
CA PHE A 170 -11.85 17.81 9.35
C PHE A 170 -13.18 17.14 9.68
N PRO A 171 -13.98 17.76 10.59
CA PRO A 171 -15.21 17.10 11.04
C PRO A 171 -16.09 16.67 9.87
N GLY A 172 -16.52 15.42 9.91
CA GLY A 172 -17.41 14.88 8.89
C GLY A 172 -16.67 14.14 7.79
N TRP A 173 -15.37 14.39 7.65
CA TRP A 173 -14.57 13.72 6.60
C TRP A 173 -14.29 12.26 6.91
N PHE A 174 -13.85 11.97 8.12
CA PHE A 174 -13.36 10.62 8.43
C PHE A 174 -14.39 9.55 8.12
N THR A 175 -13.94 8.52 7.40
CA THR A 175 -14.79 7.40 7.03
C THR A 175 -13.97 6.17 7.24
N GLU A 176 -14.43 5.26 8.09
CA GLU A 176 -13.67 4.05 8.37
C GLU A 176 -13.68 3.12 7.16
N SER A 177 -12.52 2.50 6.90
N SER A 177 -12.52 2.52 6.89
CA SER A 177 -12.38 1.59 5.76
CA SER A 177 -12.38 1.57 5.80
C SER A 177 -11.69 0.28 6.14
C SER A 177 -11.62 0.34 6.24
N LYS A 178 -12.25 -0.46 7.11
CA LYS A 178 -11.63 -1.70 7.58
C LYS A 178 -11.42 -2.75 6.48
N PRO A 179 -12.41 -2.97 5.58
CA PRO A 179 -12.21 -4.01 4.57
C PRO A 179 -11.02 -3.77 3.60
N ILE A 180 -10.89 -2.56 3.06
CA ILE A 180 -9.77 -2.25 2.16
C ILE A 180 -8.45 -2.19 2.94
N GLN A 181 -8.44 -1.46 4.06
CA GLN A 181 -7.23 -1.42 4.85
C GLN A 181 -6.72 -2.78 5.22
N ASN A 182 -7.59 -3.69 5.64
CA ASN A 182 -7.05 -4.93 6.18
C ASN A 182 -6.69 -6.01 5.15
N VAL A 183 -7.13 -5.79 3.92
CA VAL A 183 -6.52 -6.51 2.78
C VAL A 183 -5.07 -6.01 2.73
N GLU A 184 -4.86 -4.71 2.89
CA GLU A 184 -3.50 -4.16 2.84
C GLU A 184 -2.65 -4.63 4.03
N SER A 185 -3.28 -4.77 5.20
CA SER A 185 -2.64 -5.44 6.33
C SER A 185 -2.13 -6.83 5.92
N GLY A 186 -3.00 -7.62 5.29
CA GLY A 186 -2.63 -8.94 4.74
C GLY A 186 -1.52 -8.83 3.69
N PHE A 187 -1.54 -7.77 2.86
CA PHE A 187 -0.49 -7.56 1.86
C PHE A 187 0.87 -7.38 2.57
N ILE A 188 0.88 -6.61 3.66
CA ILE A 188 2.10 -6.45 4.43
C ILE A 188 2.64 -7.79 4.94
N PHE A 189 1.77 -8.61 5.54
CA PHE A 189 2.21 -9.94 5.96
C PHE A 189 2.71 -10.81 4.80
N ALA A 190 2.07 -10.68 3.64
CA ALA A 190 2.41 -11.48 2.45
C ALA A 190 3.80 -11.09 1.96
N LEU A 191 4.11 -9.80 1.96
CA LEU A 191 5.36 -9.35 1.33
C LEU A 191 6.57 -9.41 2.26
N VAL A 192 6.38 -8.94 3.49
CA VAL A 192 7.50 -8.74 4.38
C VAL A 192 7.41 -9.47 5.70
N SER A 193 6.59 -10.52 5.78
CA SER A 193 6.72 -11.39 6.94
C SER A 193 7.99 -12.19 6.78
N ASP A 194 8.50 -12.69 7.90
CA ASP A 194 9.81 -13.30 7.93
C ASP A 194 9.74 -14.78 7.52
N PHE A 195 9.94 -15.02 6.23
CA PHE A 195 9.90 -16.39 5.70
C PHE A 195 11.06 -17.27 6.19
N ASN A 196 12.06 -16.68 6.85
CA ASN A 196 13.18 -17.45 7.42
C ASN A 196 12.82 -18.16 8.74
N LEU A 197 11.65 -17.86 9.29
CA LEU A 197 11.17 -18.55 10.50
C LEU A 197 10.38 -19.80 10.09
N PRO A 198 10.51 -20.91 10.87
CA PRO A 198 9.94 -22.20 10.43
C PRO A 198 8.41 -22.23 10.23
N ASP A 199 7.69 -21.38 10.96
CA ASP A 199 6.24 -21.36 10.95
C ASP A 199 5.68 -20.12 10.26
N ASN A 200 6.41 -19.60 9.27
CA ASN A 200 5.98 -18.36 8.63
C ASN A 200 4.59 -18.44 8.01
N ASP A 201 4.32 -19.52 7.30
CA ASP A 201 3.05 -19.65 6.60
C ASP A 201 1.86 -19.71 7.55
N GLU A 202 2.01 -20.42 8.66
CA GLU A 202 0.94 -20.52 9.64
C GLU A 202 0.88 -19.32 10.58
N ASN A 203 2.04 -18.75 10.93
CA ASN A 203 2.11 -17.70 11.96
C ASN A 203 3.04 -16.51 11.60
N PRO A 204 2.71 -15.79 10.51
CA PRO A 204 3.72 -14.89 9.96
C PRO A 204 4.02 -13.71 10.89
N LEU A 205 5.29 -13.31 10.93
CA LEU A 205 5.67 -12.13 11.71
C LEU A 205 6.34 -11.15 10.77
N VAL A 206 5.85 -9.91 10.78
CA VAL A 206 6.45 -8.87 9.92
C VAL A 206 7.82 -8.48 10.43
N ARG A 207 8.82 -8.50 9.55
CA ARG A 207 10.12 -7.91 9.87
C ARG A 207 10.05 -6.41 9.69
N ILE A 208 10.19 -5.69 10.80
CA ILE A 208 9.95 -4.25 10.79
C ILE A 208 10.94 -3.53 9.88
N ASP A 209 12.21 -3.96 9.87
CA ASP A 209 13.17 -3.26 9.01
C ASP A 209 12.85 -3.39 7.51
N TRP A 210 12.34 -4.56 7.14
CA TRP A 210 11.90 -4.76 5.77
C TRP A 210 10.73 -3.87 5.42
N TRP A 211 9.73 -3.81 6.32
CA TRP A 211 8.58 -2.96 6.14
C TRP A 211 9.01 -1.51 5.98
N LYS A 212 9.86 -1.03 6.90
CA LYS A 212 10.33 0.36 6.85
C LYS A 212 11.10 0.69 5.58
N TYR A 213 11.95 -0.24 5.14
CA TYR A 213 12.72 -0.06 3.90
C TYR A 213 11.78 0.08 2.71
N TRP A 214 10.85 -0.88 2.58
CA TRP A 214 9.90 -0.88 1.46
C TRP A 214 9.11 0.44 1.40
N PHE A 215 8.55 0.86 2.53
CA PHE A 215 7.70 2.04 2.56
C PHE A 215 8.50 3.33 2.36
N THR A 216 9.63 3.44 3.05
CA THR A 216 10.41 4.68 3.05
C THR A 216 11.10 4.85 1.70
N ASN A 217 11.63 3.76 1.18
CA ASN A 217 12.45 3.83 -0.02
C ASN A 217 11.68 3.55 -1.31
N GLU A 218 10.51 2.91 -1.19
CA GLU A 218 9.78 2.49 -2.40
C GLU A 218 10.74 1.73 -3.34
N SER A 219 11.51 0.83 -2.74
CA SER A 219 12.33 -0.12 -3.44
C SER A 219 12.39 -1.37 -2.53
N PHE A 220 13.07 -2.43 -2.99
CA PHE A 220 12.96 -3.72 -2.29
C PHE A 220 14.13 -3.96 -1.36
N PRO A 221 13.87 -4.45 -0.13
CA PRO A 221 14.91 -4.58 0.88
C PRO A 221 15.89 -5.77 0.73
N TYR A 222 16.36 -6.01 -0.49
CA TYR A 222 17.35 -7.06 -0.74
C TYR A 222 18.59 -6.99 0.16
N HIS A 223 19.04 -5.77 0.46
CA HIS A 223 20.26 -5.62 1.27
C HIS A 223 20.07 -6.09 2.70
N LEU A 224 18.81 -6.20 3.12
CA LEU A 224 18.45 -6.72 4.45
C LEU A 224 18.07 -8.21 4.42
N GLY A 225 18.31 -8.89 3.30
CA GLY A 225 18.04 -10.32 3.20
C GLY A 225 16.66 -10.69 2.68
N TRP A 226 15.86 -9.67 2.35
CA TRP A 226 14.57 -9.95 1.74
C TRP A 226 14.70 -10.57 0.34
N HIS A 227 13.74 -11.42 -0.04
CA HIS A 227 13.55 -11.75 -1.45
C HIS A 227 12.06 -11.99 -1.69
N PRO A 228 11.64 -11.98 -2.99
CA PRO A 228 10.24 -12.28 -3.30
C PRO A 228 9.84 -13.63 -2.70
N PRO A 229 8.67 -13.70 -2.01
CA PRO A 229 8.17 -14.97 -1.51
C PRO A 229 8.16 -16.02 -2.61
N SER A 230 8.61 -17.22 -2.27
CA SER A 230 8.61 -18.35 -3.18
C SER A 230 8.12 -19.57 -2.39
N PRO A 231 7.03 -20.21 -2.87
CA PRO A 231 6.24 -19.81 -4.04
C PRO A 231 5.51 -18.46 -3.86
N ALA A 232 5.06 -17.87 -4.96
CA ALA A 232 4.32 -16.62 -4.87
C ALA A 232 3.12 -16.71 -3.91
N ARG A 233 2.92 -15.66 -3.12
CA ARG A 233 1.78 -15.60 -2.19
C ARG A 233 0.47 -15.56 -2.95
N GLU A 234 -0.54 -16.24 -2.41
CA GLU A 234 -1.89 -16.25 -3.02
C GLU A 234 -2.92 -15.53 -2.15
N ILE A 235 -4.10 -15.31 -2.71
CA ILE A 235 -5.13 -14.51 -2.05
C ILE A 235 -5.60 -15.10 -0.72
N GLU A 236 -5.60 -16.44 -0.64
N GLU A 236 -5.65 -16.43 -0.61
CA GLU A 236 -5.99 -17.16 0.58
CA GLU A 236 -6.05 -17.07 0.65
C GLU A 236 -5.15 -16.75 1.81
C GLU A 236 -5.16 -16.60 1.81
N PHE A 237 -3.85 -16.58 1.59
CA PHE A 237 -2.93 -16.12 2.64
C PHE A 237 -3.31 -14.72 3.09
N VAL A 238 -3.55 -13.84 2.12
CA VAL A 238 -3.87 -12.44 2.36
C VAL A 238 -5.17 -12.24 3.13
N THR A 239 -6.26 -12.91 2.70
CA THR A 239 -7.51 -12.67 3.38
C THR A 239 -7.54 -13.37 4.74
N SER A 240 -6.84 -14.50 4.84
CA SER A 240 -6.69 -15.16 6.13
C SER A 240 -5.98 -14.26 7.13
N ALA A 241 -4.89 -13.63 6.71
CA ALA A 241 -4.15 -12.65 7.52
C ALA A 241 -5.03 -11.45 7.91
N SER A 242 -5.80 -10.97 6.93
CA SER A 242 -6.73 -9.87 7.14
C SER A 242 -7.70 -10.23 8.27
N SER A 243 -8.31 -11.40 8.15
CA SER A 243 -9.25 -11.87 9.16
C SER A 243 -8.57 -12.02 10.53
N ALA A 244 -7.35 -12.54 10.54
CA ALA A 244 -6.62 -12.80 11.77
C ALA A 244 -6.27 -11.52 12.53
N VAL A 245 -5.88 -10.48 11.78
CA VAL A 245 -5.63 -9.16 12.38
C VAL A 245 -6.88 -8.68 13.12
N LEU A 246 -8.02 -8.72 12.43
CA LEU A 246 -9.25 -8.18 13.00
C LEU A 246 -9.82 -9.06 14.12
N ALA A 247 -9.46 -10.34 14.11
CA ALA A 247 -9.90 -11.28 15.15
C ALA A 247 -9.04 -11.22 16.41
N ALA A 248 -7.90 -10.53 16.32
CA ALA A 248 -6.89 -10.54 17.38
C ALA A 248 -7.36 -9.72 18.57
N SER A 249 -7.17 -10.25 19.77
CA SER A 249 -7.65 -9.53 20.94
C SER A 249 -6.92 -8.20 21.15
N VAL A 250 -7.70 -7.17 21.43
CA VAL A 250 -7.21 -5.81 21.66
C VAL A 250 -6.93 -5.64 23.15
N THR A 251 -5.68 -5.29 23.47
CA THR A 251 -5.24 -5.17 24.86
C THR A 251 -5.02 -3.71 25.24
N SER A 252 -4.98 -2.85 24.24
CA SER A 252 -4.85 -1.41 24.46
C SER A 252 -5.80 -0.71 23.50
N THR A 253 -6.79 -0.02 24.05
CA THR A 253 -7.84 0.58 23.24
C THR A 253 -7.65 2.10 23.20
N PRO A 254 -7.41 2.64 21.98
CA PRO A 254 -7.34 4.09 21.86
C PRO A 254 -8.71 4.73 21.99
N SER A 255 -8.72 5.98 22.45
CA SER A 255 -9.94 6.78 22.46
C SER A 255 -10.25 7.24 21.04
N SER A 256 -11.49 7.66 20.83
CA SER A 256 -11.94 8.27 19.57
C SER A 256 -12.01 7.29 18.40
N LEU A 257 -12.23 6.01 18.67
CA LEU A 257 -12.46 5.05 17.60
C LEU A 257 -13.87 5.23 17.03
N PRO A 258 -14.01 5.06 15.70
CA PRO A 258 -15.35 5.07 15.13
C PRO A 258 -16.11 3.85 15.63
N SER A 259 -17.43 3.85 15.43
CA SER A 259 -18.31 2.77 15.88
C SER A 259 -17.96 1.42 15.22
N GLY A 260 -17.78 0.39 16.05
CA GLY A 260 -17.55 -0.97 15.54
C GLY A 260 -16.13 -1.26 15.06
N ALA A 261 -15.22 -0.31 15.31
CA ALA A 261 -13.79 -0.45 14.98
C ALA A 261 -13.23 -1.80 15.43
N ILE A 262 -13.54 -2.17 16.67
CA ILE A 262 -13.07 -3.45 17.20
C ILE A 262 -14.02 -4.57 16.80
N GLY A 263 -13.49 -5.56 16.11
CA GLY A 263 -14.28 -6.69 15.67
C GLY A 263 -14.04 -7.01 14.21
N PRO A 264 -14.72 -8.07 13.72
CA PRO A 264 -14.61 -8.54 12.33
C PRO A 264 -14.91 -7.42 11.33
N GLY A 265 -14.35 -7.55 10.12
CA GLY A 265 -14.59 -6.61 9.05
C GLY A 265 -15.30 -7.28 7.90
N ALA A 266 -16.03 -6.51 7.10
CA ALA A 266 -16.70 -7.07 5.93
C ALA A 266 -15.67 -7.49 4.89
N GLU A 267 -16.08 -8.41 4.01
CA GLU A 267 -15.26 -8.75 2.85
C GLU A 267 -15.11 -7.51 1.94
N ALA A 268 -13.90 -7.25 1.47
CA ALA A 268 -13.71 -6.19 0.46
C ALA A 268 -14.43 -6.61 -0.82
N VAL A 269 -15.09 -5.66 -1.45
CA VAL A 269 -15.89 -5.94 -2.65
C VAL A 269 -15.62 -4.90 -3.72
N PRO A 270 -16.05 -5.14 -4.98
CA PRO A 270 -15.85 -4.10 -6.00
C PRO A 270 -16.48 -2.77 -5.65
N LEU A 271 -15.77 -1.69 -5.96
CA LEU A 271 -16.28 -0.34 -5.75
C LEU A 271 -17.26 -0.01 -6.87
N SER A 272 -18.11 0.97 -6.59
CA SER A 272 -19.06 1.50 -7.57
C SER A 272 -19.34 2.97 -7.23
N PHE A 273 -19.42 3.81 -8.25
CA PHE A 273 -19.71 5.23 -8.07
C PHE A 273 -20.87 5.70 -8.97
N ALA A 274 -21.80 6.45 -8.39
CA ALA A 274 -22.89 7.07 -9.14
C ALA A 274 -22.37 7.93 -10.29
N SER A 275 -23.03 7.85 -11.44
CA SER A 275 -22.61 8.63 -12.61
C SER A 275 -22.76 10.13 -12.38
N THR A 276 -23.63 10.52 -11.46
CA THR A 276 -23.85 11.93 -11.14
C THR A 276 -22.74 12.49 -10.25
N MET A 277 -21.95 11.59 -9.66
CA MET A 277 -20.96 11.99 -8.68
C MET A 277 -19.70 12.49 -9.38
N THR A 278 -19.33 13.73 -9.09
CA THR A 278 -18.09 14.29 -9.60
C THR A 278 -16.96 13.87 -8.67
N PRO A 279 -15.80 13.48 -9.23
CA PRO A 279 -14.70 13.08 -8.36
C PRO A 279 -14.11 14.28 -7.61
N PHE A 280 -13.55 14.03 -6.43
CA PHE A 280 -12.78 15.03 -5.72
C PHE A 280 -11.51 15.31 -6.50
N LEU A 281 -11.04 16.56 -6.47
CA LEU A 281 -9.78 16.95 -7.09
C LEU A 281 -8.61 16.15 -6.49
N LEU A 282 -7.72 15.69 -7.36
CA LEU A 282 -6.53 14.98 -6.89
C LEU A 282 -5.45 15.94 -6.39
N ALA A 283 -4.79 15.57 -5.30
CA ALA A 283 -3.60 16.30 -4.89
C ALA A 283 -2.57 16.31 -6.05
N THR A 284 -1.91 17.45 -6.27
CA THR A 284 -1.06 17.61 -7.45
C THR A 284 0.45 17.52 -7.16
N ASN A 285 0.80 17.12 -5.95
CA ASN A 285 2.21 17.11 -5.53
C ASN A 285 3.13 16.24 -6.38
N ALA A 286 4.36 16.69 -6.59
CA ALA A 286 5.36 15.89 -7.30
C ALA A 286 5.54 14.55 -6.56
N PRO A 287 5.91 13.49 -7.30
CA PRO A 287 6.12 12.19 -6.64
C PRO A 287 7.22 12.23 -5.59
N TYR A 288 6.93 11.63 -4.45
CA TYR A 288 7.92 11.41 -3.40
C TYR A 288 9.05 10.49 -3.86
N TYR A 289 10.27 10.82 -3.44
CA TYR A 289 11.36 9.84 -3.50
C TYR A 289 12.31 10.03 -2.34
N ALA A 290 12.97 8.94 -1.95
CA ALA A 290 13.81 8.92 -0.76
C ALA A 290 15.02 9.82 -1.01
N GLN A 291 15.33 10.68 -0.06
CA GLN A 291 16.44 11.64 -0.23
C GLN A 291 17.39 11.71 0.96
N ASP A 292 17.14 10.90 1.99
CA ASP A 292 18.04 10.85 3.13
C ASP A 292 18.32 9.41 3.60
N PRO A 293 19.17 8.68 2.83
CA PRO A 293 19.85 9.11 1.61
C PRO A 293 19.04 8.85 0.35
N THR A 294 19.48 9.46 -0.76
CA THR A 294 18.99 9.08 -2.08
C THR A 294 19.48 7.67 -2.38
N LEU A 295 18.74 6.95 -3.21
CA LEU A 295 19.06 5.56 -3.51
C LEU A 295 19.86 5.42 -4.79
N GLY A 296 20.76 4.46 -4.79
CA GLY A 296 21.49 4.06 -6.00
C GLY A 296 20.72 3.02 -6.78
N PRO A 297 21.23 2.64 -7.96
CA PRO A 297 20.52 1.70 -8.84
C PRO A 297 20.31 0.32 -8.21
N ASN A 298 21.18 -0.09 -7.30
CA ASN A 298 21.03 -1.41 -6.67
C ASN A 298 20.29 -1.40 -5.32
N ASP A 299 19.68 -0.26 -4.97
CA ASP A 299 19.04 -0.10 -3.67
C ASP A 299 17.53 -0.25 -3.74
C1 NAG B . -3.40 11.46 -13.57
C2 NAG B . -2.75 12.87 -13.62
C3 NAG B . -3.72 13.91 -13.04
C4 NAG B . -5.11 13.81 -13.68
C5 NAG B . -5.60 12.35 -13.70
C6 NAG B . -6.94 12.12 -14.39
C7 NAG B . -0.33 12.76 -13.36
C8 NAG B . 0.83 13.05 -12.44
N2 NAG B . -1.54 12.95 -12.85
O3 NAG B . -3.21 15.23 -13.20
O4 NAG B . -6.02 14.60 -12.92
O5 NAG B . -4.63 11.50 -14.27
O6 NAG B . -6.90 12.52 -15.76
O7 NAG B . -0.14 12.36 -14.50
C1 NAG B . -6.73 15.54 -13.75
C2 NAG B . -7.74 16.29 -12.88
C3 NAG B . -8.49 17.34 -13.68
C4 NAG B . -7.55 18.18 -14.57
C5 NAG B . -6.49 17.35 -15.29
C6 NAG B . -5.43 18.25 -15.90
C7 NAG B . -8.94 15.34 -10.95
C8 NAG B . -10.09 14.51 -10.50
N2 NAG B . -8.69 15.37 -12.27
O3 NAG B . -9.15 18.19 -12.77
O4 NAG B . -8.31 18.83 -15.57
O5 NAG B . -5.85 16.44 -14.40
O6 NAG B . -4.74 17.50 -16.86
O7 NAG B . -8.23 15.95 -10.13
C1 MAN B . -8.52 20.22 -15.23
C2 MAN B . -8.75 20.97 -16.53
C3 MAN B . -9.10 22.43 -16.26
C4 MAN B . -10.26 22.51 -15.25
C5 MAN B . -9.92 21.72 -13.99
C6 MAN B . -11.06 21.75 -12.97
O2 MAN B . -9.82 20.33 -17.20
O3 MAN B . -9.45 23.07 -17.46
O4 MAN B . -10.53 23.86 -14.95
O5 MAN B . -9.62 20.37 -14.34
O6 MAN B . -12.06 20.80 -13.26
C1 NAG C . 16.73 3.02 2.20
C2 NAG C . 16.93 2.56 3.64
C3 NAG C . 18.35 2.94 4.13
C4 NAG C . 19.41 2.36 3.18
C5 NAG C . 19.06 2.84 1.77
C6 NAG C . 20.02 2.32 0.70
C7 NAG C . 15.21 2.45 5.37
C8 NAG C . 14.34 3.27 6.27
N2 NAG C . 15.95 3.15 4.52
O3 NAG C . 18.58 2.44 5.44
O4 NAG C . 20.72 2.83 3.53
O5 NAG C . 17.75 2.44 1.41
O6 NAG C . 19.93 0.91 0.61
O7 NAG C . 15.24 1.20 5.43
C1 NAG C . 21.60 1.78 3.98
C2 NAG C . 23.04 2.32 4.04
C3 NAG C . 24.04 1.28 4.54
C4 NAG C . 23.55 0.63 5.83
C5 NAG C . 22.08 0.22 5.68
C6 NAG C . 21.52 -0.40 6.95
C7 NAG C . 23.44 4.18 2.57
C8 NAG C . 23.78 4.68 1.20
N2 NAG C . 23.45 2.86 2.75
O3 NAG C . 25.29 1.88 4.75
O4 NAG C . 24.38 -0.50 6.08
O5 NAG C . 21.27 1.32 5.28
O6 NAG C . 20.99 -1.66 6.60
O7 NAG C . 23.15 4.97 3.48
C1 MAN D . -0.04 20.75 -7.15
C2 MAN D . -0.18 21.52 -5.82
C3 MAN D . -1.29 22.57 -5.94
C4 MAN D . -1.08 23.42 -7.19
C5 MAN D . -0.98 22.54 -8.42
C6 MAN D . -0.77 23.36 -9.70
O2 MAN D . 1.00 22.23 -5.50
O3 MAN D . -1.29 23.40 -4.80
O4 MAN D . -2.12 24.37 -7.31
O5 MAN D . 0.10 21.61 -8.27
O6 MAN D . -0.28 22.54 -10.74
C1 MAN D . 1.99 21.44 -4.78
C2 MAN D . 3.00 22.39 -4.13
C3 MAN D . 3.82 23.13 -5.19
C4 MAN D . 4.46 22.14 -6.18
C5 MAN D . 3.39 21.18 -6.71
C6 MAN D . 3.99 20.11 -7.61
O2 MAN D . 3.84 21.65 -3.28
O3 MAN D . 4.82 23.94 -4.61
O4 MAN D . 5.05 22.82 -7.27
O5 MAN D . 2.70 20.55 -5.62
O6 MAN D . 3.87 20.57 -8.94
MN MN E . -5.20 6.85 2.42
CHA HEM F . -2.32 1.00 -0.48
CHB HEM F . -3.87 0.20 -4.99
CHC HEM F . -1.49 -4.03 -5.00
CHD HEM F . 0.54 -2.97 -0.74
C1A HEM F . -2.94 1.16 -1.69
C2A HEM F . -3.83 2.25 -2.04
C3A HEM F . -4.27 2.06 -3.28
C4A HEM F . -3.68 0.80 -3.76
CMA HEM F . -5.21 2.94 -4.12
CAA HEM F . -4.13 3.44 -1.08
CBA HEM F . -5.01 2.93 0.07
CGA HEM F . -4.77 3.87 1.23
O1A HEM F . -5.52 4.86 1.37
O2A HEM F . -3.83 3.60 2.03
C1B HEM F . -3.34 -1.01 -5.42
C2B HEM F . -3.54 -1.63 -6.71
C3B HEM F . -2.89 -2.80 -6.72
C4B HEM F . -2.26 -2.97 -5.42
CMB HEM F . -4.38 -0.97 -7.84
CAB HEM F . -2.78 -3.85 -7.86
CBB HEM F . -3.23 -3.61 -9.08
C1C HEM F . -0.75 -4.13 -3.84
C2C HEM F . 0.07 -5.26 -3.46
C3C HEM F . 0.67 -4.98 -2.28
C4C HEM F . 0.23 -3.65 -1.89
CMC HEM F . 0.20 -6.55 -4.29
CAC HEM F . 1.63 -5.88 -1.45
CBC HEM F . 1.63 -7.22 -1.52
C1D HEM F . -0.16 -1.89 -0.24
C2D HEM F . -0.06 -1.42 1.14
C3D HEM F . -0.95 -0.19 1.22
C4D HEM F . -1.48 0.00 -0.11
CMD HEM F . 0.72 -2.08 2.29
CAD HEM F . -1.23 0.67 2.48
CBD HEM F . -0.33 1.89 2.49
CGD HEM F . -0.66 2.68 3.73
O1D HEM F . 0.15 3.59 4.04
O2D HEM F . -1.68 2.39 4.42
NA HEM F . -2.90 0.27 -2.75
NB HEM F . -2.58 -1.87 -4.66
NC HEM F . -0.62 -3.14 -2.87
ND HEM F . -0.98 -1.01 -0.94
FE HEM F . -1.50 -1.28 -2.93
C1 NAG G . 16.99 -18.44 -11.81
C2 NAG G . 15.73 -19.31 -11.68
C3 NAG G . 16.08 -20.65 -11.03
C4 NAG G . 17.28 -21.32 -11.72
C5 NAG G . 18.43 -20.31 -11.88
C6 NAG G . 19.58 -20.92 -12.67
C7 NAG G . 13.49 -18.39 -11.35
C8 NAG G . 12.55 -17.72 -10.40
N2 NAG G . 14.71 -18.66 -10.88
O3 NAG G . 14.95 -21.48 -11.09
O4 NAG G . 17.70 -22.44 -10.98
O5 NAG G . 17.95 -19.15 -12.55
O6 NAG G . 19.15 -21.24 -13.97
O7 NAG G . 13.14 -18.66 -12.50
C1 MAN H . -9.75 -15.03 3.18
C2 MAN H . -9.53 -16.53 3.01
C3 MAN H . -10.15 -17.04 1.71
C4 MAN H . -11.60 -16.57 1.54
C5 MAN H . -11.67 -15.06 1.74
C6 MAN H . -13.11 -14.54 1.71
O2 MAN H . -10.06 -17.19 4.14
O3 MAN H . -10.06 -18.45 1.68
O4 MAN H . -12.06 -16.85 0.24
O5 MAN H . -11.11 -14.69 2.99
O6 MAN H . -13.07 -13.15 1.87
C1 MAN I . -5.20 -18.35 7.19
C2 MAN I . -5.21 -18.84 8.66
C3 MAN I . -4.23 -18.07 9.55
C4 MAN I . -2.86 -18.03 8.90
C5 MAN I . -3.01 -17.45 7.49
C6 MAN I . -1.67 -17.29 6.77
O2 MAN I . -4.88 -20.22 8.66
O3 MAN I . -4.11 -18.66 10.84
O4 MAN I . -1.96 -17.29 9.68
O5 MAN I . -3.87 -18.27 6.71
O6 MAN I . -1.22 -18.55 6.31
C1 MAN J . -9.40 -8.54 4.94
C2 MAN J . -10.40 -7.44 5.25
C3 MAN J . -11.40 -7.94 6.32
C4 MAN J . -12.00 -9.28 5.92
C5 MAN J . -10.94 -10.30 5.55
C6 MAN J . -11.51 -11.60 5.00
O2 MAN J . -11.06 -7.05 4.06
O3 MAN J . -12.37 -6.92 6.58
O4 MAN J . -12.81 -9.80 6.98
O5 MAN J . -10.02 -9.78 4.58
O6 MAN J . -12.22 -11.34 3.80
C1 MAN K . -11.19 -14.99 9.44
C2 MAN K . -12.01 -15.29 10.71
C3 MAN K . -11.09 -15.35 11.94
C4 MAN K . -9.83 -16.21 11.72
C5 MAN K . -9.15 -15.86 10.39
C6 MAN K . -7.96 -16.74 10.05
O2 MAN K . -12.68 -16.50 10.52
O3 MAN K . -11.82 -15.80 13.06
O4 MAN K . -8.91 -16.00 12.76
O5 MAN K . -10.12 -15.91 9.34
O6 MAN K . -8.43 -18.02 9.63
C1 MAN L . -8.83 -10.55 24.19
C2 MAN L . -9.67 -9.53 24.95
C3 MAN L . -8.81 -8.57 25.78
C4 MAN L . -7.67 -9.27 26.53
C5 MAN L . -6.96 -10.28 25.62
C6 MAN L . -5.86 -11.06 26.30
O2 MAN L . -10.59 -10.21 25.78
O3 MAN L . -9.63 -7.86 26.69
O4 MAN L . -6.75 -8.30 26.95
O5 MAN L . -7.91 -11.17 25.05
O6 MAN L . -4.68 -10.28 26.28
C1 MAN M . -1.59 -5.31 24.63
C2 MAN M . -0.83 -4.11 25.20
C3 MAN M . -0.51 -3.11 24.09
C4 MAN M . 0.26 -3.79 22.95
C5 MAN M . -0.54 -5.04 22.53
C6 MAN M . 0.13 -5.81 21.39
O2 MAN M . 0.39 -4.56 25.76
O3 MAN M . 0.20 -1.99 24.60
O4 MAN M . 0.44 -2.88 21.90
O5 MAN M . -0.73 -5.90 23.66
O6 MAN M . -0.50 -7.07 21.24
C1 MAN N . -1.90 0.77 23.92
C2 MAN N . -1.89 2.16 24.55
C3 MAN N . -2.82 3.14 23.83
C4 MAN N . -2.60 3.12 22.32
C5 MAN N . -2.68 1.67 21.83
C6 MAN N . -2.54 1.52 20.31
O2 MAN N . -0.57 2.68 24.55
O3 MAN N . -2.59 4.44 24.30
O4 MAN N . -3.59 3.93 21.73
O5 MAN N . -1.71 0.88 22.51
O6 MAN N . -1.18 1.58 19.93
C1 MAN O . -9.75 -1.68 25.16
C2 MAN O . -9.55 -3.20 25.12
C3 MAN O . -10.55 -3.85 24.16
C4 MAN O . -11.98 -3.41 24.46
C5 MAN O . -12.05 -1.89 24.50
C6 MAN O . -13.46 -1.38 24.84
O2 MAN O . -9.66 -3.76 26.42
O3 MAN O . -10.45 -5.26 24.23
O4 MAN O . -12.85 -3.88 23.48
O5 MAN O . -11.10 -1.37 25.43
O6 MAN O . -13.58 -1.20 26.24
C1 MAN P . 21.34 9.65 -4.59
C2 MAN P . 22.55 8.74 -4.46
C3 MAN P . 23.66 9.43 -3.67
C4 MAN P . 23.98 10.80 -4.26
C5 MAN P . 22.71 11.61 -4.59
C6 MAN P . 23.05 12.79 -5.49
O2 MAN P . 23.05 8.35 -5.73
O3 MAN P . 24.81 8.62 -3.63
O4 MAN P . 24.77 11.49 -3.33
O5 MAN P . 21.70 10.85 -5.24
O6 MAN P . 23.92 13.65 -4.80
BR BR Q . -16.28 -3.36 8.27
BR BR R . -2.48 17.06 11.43
BR BR S . -1.75 11.13 -17.21
#